data_7YM5
#
_entry.id   7YM5
#
_cell.length_a   115.995
_cell.length_b   115.995
_cell.length_c   101.042
_cell.angle_alpha   90.000
_cell.angle_beta   90.000
_cell.angle_gamma   120.000
#
_symmetry.space_group_name_H-M   'P 62 2 2'
#
loop_
_entity.id
_entity.type
_entity.pdbx_description
1 polymer 'Type III secretion system effector arginine glycosyltransferase SseK1'
2 non-polymer 'MANGANESE (II) ION'
3 non-polymer "URIDINE-5'-DIPHOSPHATE"
4 water water
#
_entity_poly.entity_id   1
_entity_poly.type   'polypeptide(L)'
_entity_poly.pdbx_seq_one_letter_code
;FTSFNGKDYPLCFLDEKTPLLFQWFERNPARFGKNDIPIINTEKNPYLNNIIKAATIEKERLIGIFVDGDFFPGQKDAFS
KLEYDYENIKVIYRNDIDFSMYDKKLSEIYMENISKQESMPEEKRDCHLLQLLKKELSDIQEGNDSLIKSYLLDKGHGWF
DFYRNMAMLKAGQLFLEADKVGCYDLSTNSGCIYLDADMIITEKLGGIYIPDGIAVHVERIDGRASMENGIIAVDRNNHP
ALLAGLEIMHTKFDADPYSDGVCNGIRKHFNYSLNEDYNSFCDFIEFKHDNIIMNTSQFTQSSWAR
;
_entity_poly.pdbx_strand_id   A
#
loop_
_chem_comp.id
_chem_comp.type
_chem_comp.name
_chem_comp.formula
MN non-polymer 'MANGANESE (II) ION' 'Mn 2'
UDP RNA linking URIDINE-5'-DIPHOSPHATE 'C9 H14 N2 O12 P2'
#
# COMPACT_ATOMS: atom_id res chain seq x y z
N PHE A 1 11.13 -24.80 -0.97
CA PHE A 1 11.43 -24.07 0.28
C PHE A 1 12.32 -22.86 -0.03
N THR A 2 13.26 -23.03 -0.97
CA THR A 2 14.22 -21.92 -1.25
C THR A 2 14.23 -21.60 -2.74
N SER A 3 14.30 -20.31 -3.08
CA SER A 3 14.38 -19.88 -4.50
C SER A 3 15.67 -19.09 -4.70
N PHE A 4 15.87 -18.46 -5.85
CA PHE A 4 17.08 -17.62 -5.97
C PHE A 4 17.02 -16.65 -7.16
N ASN A 5 17.77 -15.55 -7.06
CA ASN A 5 17.88 -14.55 -8.15
C ASN A 5 19.37 -14.23 -8.17
N GLY A 6 19.86 -13.61 -7.10
CA GLY A 6 21.32 -13.39 -6.96
C GLY A 6 21.88 -14.27 -5.84
N LYS A 7 21.00 -14.74 -4.96
CA LYS A 7 21.41 -15.63 -3.83
C LYS A 7 20.27 -16.61 -3.55
N ASP A 8 20.39 -17.43 -2.51
CA ASP A 8 19.29 -18.35 -2.11
C ASP A 8 18.25 -17.63 -1.25
N TYR A 9 16.99 -17.57 -1.70
CA TYR A 9 15.95 -16.80 -0.97
C TYR A 9 14.85 -17.72 -0.46
N PRO A 10 14.50 -17.63 0.83
CA PRO A 10 13.53 -18.53 1.42
C PRO A 10 12.06 -18.27 1.03
N LEU A 11 11.57 -18.94 0.00
CA LEU A 11 10.14 -18.81 -0.34
C LEU A 11 9.31 -18.99 0.93
N CYS A 12 8.31 -18.14 1.15
CA CYS A 12 7.47 -18.26 2.38
C CYS A 12 6.05 -18.64 1.98
N PHE A 13 5.34 -19.34 2.87
CA PHE A 13 3.97 -19.81 2.56
C PHE A 13 2.99 -19.05 3.45
N LEU A 14 1.76 -18.89 2.99
CA LEU A 14 0.80 -18.06 3.77
C LEU A 14 -0.45 -18.87 4.11
N ASP A 15 -0.72 -19.04 5.41
CA ASP A 15 -1.98 -19.71 5.82
C ASP A 15 -3.09 -19.09 4.98
N GLU A 16 -4.00 -19.90 4.43
CA GLU A 16 -5.11 -19.30 3.67
C GLU A 16 -5.74 -18.24 4.56
N LYS A 17 -5.63 -18.42 5.87
CA LYS A 17 -6.21 -17.44 6.83
C LYS A 17 -5.56 -16.07 6.60
N THR A 18 -4.48 -16.03 5.81
CA THR A 18 -3.84 -14.73 5.52
C THR A 18 -4.93 -13.77 5.03
N PRO A 19 -5.12 -12.60 5.65
CA PRO A 19 -6.21 -11.71 5.27
C PRO A 19 -5.94 -10.96 3.97
N LEU A 20 -7.00 -10.41 3.36
CA LEU A 20 -6.81 -9.58 2.14
C LEU A 20 -7.24 -8.15 2.47
N LEU A 21 -6.65 -7.16 1.81
CA LEU A 21 -6.95 -5.75 2.16
C LEU A 21 -7.37 -4.97 0.92
N PHE A 22 -8.41 -4.14 1.06
CA PHE A 22 -8.82 -3.25 -0.04
C PHE A 22 -8.83 -1.85 0.57
N GLN A 23 -8.51 -0.81 -0.22
CA GLN A 23 -8.43 0.56 0.34
C GLN A 23 -9.25 1.52 -0.54
N TRP A 24 -10.11 2.34 0.07
CA TRP A 24 -10.83 3.35 -0.75
C TRP A 24 -10.76 4.68 -0.01
N PHE A 25 -10.12 5.65 -0.62
CA PHE A 25 -10.05 7.00 -0.03
C PHE A 25 -10.81 7.93 -0.97
N GLU A 26 -11.88 8.58 -0.47
CA GLU A 26 -12.73 9.41 -1.36
C GLU A 26 -12.62 10.88 -0.95
N ARG A 27 -12.18 11.72 -1.89
CA ARG A 27 -12.02 13.18 -1.63
C ARG A 27 -13.39 13.81 -1.57
N ASN A 28 -14.22 13.58 -2.59
CA ASN A 28 -15.61 14.08 -2.54
C ASN A 28 -16.48 12.94 -2.01
N PRO A 29 -16.81 12.92 -0.70
CA PRO A 29 -17.55 11.81 -0.13
C PRO A 29 -19.03 12.04 -0.37
N ALA A 30 -19.35 13.18 -1.00
CA ALA A 30 -20.78 13.53 -1.22
C ALA A 30 -21.26 13.02 -2.57
N ARG A 31 -20.36 12.68 -3.50
CA ARG A 31 -20.83 12.27 -4.83
C ARG A 31 -21.81 11.10 -4.65
N PHE A 32 -21.77 10.48 -3.48
CA PHE A 32 -22.65 9.32 -3.19
C PHE A 32 -23.66 9.70 -2.11
N GLY A 33 -24.66 8.87 -1.90
CA GLY A 33 -25.71 9.20 -0.93
C GLY A 33 -25.18 9.27 0.48
N LYS A 34 -26.02 9.74 1.42
CA LYS A 34 -25.62 9.82 2.84
C LYS A 34 -26.26 8.66 3.58
N ASN A 35 -26.65 7.61 2.86
CA ASN A 35 -27.14 6.41 3.54
C ASN A 35 -26.63 5.11 2.91
N ASP A 36 -25.98 5.19 1.74
CA ASP A 36 -25.43 4.04 1.03
C ASP A 36 -23.90 4.08 1.07
N ILE A 37 -23.28 2.97 0.64
CA ILE A 37 -21.81 2.79 0.78
C ILE A 37 -21.01 3.83 -0.01
N PRO A 38 -20.08 4.53 0.64
CA PRO A 38 -19.25 5.49 -0.05
C PRO A 38 -18.14 4.80 -0.83
N ILE A 39 -18.46 3.69 -1.50
CA ILE A 39 -17.43 3.06 -2.37
C ILE A 39 -17.93 3.08 -3.81
N ILE A 40 -17.02 3.23 -4.77
CA ILE A 40 -17.45 3.38 -6.20
C ILE A 40 -17.80 2.03 -6.78
N ASN A 41 -18.94 1.94 -7.48
CA ASN A 41 -19.39 0.69 -8.15
C ASN A 41 -20.00 1.07 -9.50
N THR A 42 -19.23 1.80 -10.32
CA THR A 42 -19.70 2.25 -11.65
C THR A 42 -19.79 1.06 -12.60
N GLU A 43 -20.61 1.16 -13.64
CA GLU A 43 -20.64 0.08 -14.67
C GLU A 43 -19.30 0.09 -15.40
N LYS A 44 -18.49 1.11 -15.18
CA LYS A 44 -17.14 1.19 -15.79
C LYS A 44 -16.12 0.74 -14.75
N ASN A 45 -16.41 1.03 -13.48
CA ASN A 45 -15.50 0.69 -12.37
C ASN A 45 -16.37 0.20 -11.21
N PRO A 46 -16.83 -1.08 -11.22
CA PRO A 46 -17.60 -1.62 -10.11
C PRO A 46 -16.67 -2.13 -9.01
N TYR A 47 -16.18 -1.24 -8.15
CA TYR A 47 -15.19 -1.66 -7.12
C TYR A 47 -15.89 -2.35 -5.95
N LEU A 48 -16.96 -1.77 -5.41
CA LEU A 48 -17.60 -2.38 -4.21
C LEU A 48 -18.09 -3.77 -4.60
N ASN A 49 -18.51 -3.93 -5.84
CA ASN A 49 -18.98 -5.25 -6.32
C ASN A 49 -17.81 -6.22 -6.28
N ASN A 50 -16.69 -5.81 -6.85
CA ASN A 50 -15.50 -6.70 -6.90
C ASN A 50 -15.07 -7.02 -5.47
N ILE A 51 -15.12 -6.02 -4.58
CA ILE A 51 -14.67 -6.23 -3.17
C ILE A 51 -15.65 -7.16 -2.45
N ILE A 52 -16.84 -7.34 -3.02
CA ILE A 52 -17.89 -8.18 -2.38
C ILE A 52 -17.83 -9.59 -2.99
N LYS A 53 -17.59 -9.68 -4.30
CA LYS A 53 -17.40 -11.02 -4.94
C LYS A 53 -16.19 -11.69 -4.30
N ALA A 54 -15.10 -10.93 -4.11
CA ALA A 54 -13.87 -11.49 -3.49
C ALA A 54 -14.20 -12.03 -2.10
N ALA A 55 -14.97 -11.25 -1.33
CA ALA A 55 -15.35 -11.68 0.04
C ALA A 55 -16.13 -12.98 -0.02
N THR A 56 -17.12 -13.06 -0.93
CA THR A 56 -17.98 -14.26 -1.04
C THR A 56 -17.09 -15.50 -1.25
N ILE A 57 -16.03 -15.41 -2.06
CA ILE A 57 -15.26 -16.67 -2.30
C ILE A 57 -14.41 -16.98 -1.06
N GLU A 58 -13.55 -16.06 -0.64
CA GLU A 58 -12.63 -16.31 0.50
C GLU A 58 -13.32 -15.91 1.80
N LYS A 59 -14.51 -16.42 2.06
CA LYS A 59 -15.29 -16.20 3.31
C LYS A 59 -14.45 -16.65 4.52
N GLU A 60 -13.81 -17.82 4.42
CA GLU A 60 -12.93 -18.29 5.52
C GLU A 60 -11.92 -17.18 5.84
N ARG A 61 -11.23 -16.66 4.82
CA ARG A 61 -10.23 -15.58 5.02
C ARG A 61 -10.92 -14.30 5.44
N LEU A 62 -10.19 -13.38 6.08
CA LEU A 62 -10.77 -12.06 6.43
C LEU A 62 -10.59 -11.15 5.21
N ILE A 63 -11.55 -10.26 4.98
CA ILE A 63 -11.40 -9.26 3.88
C ILE A 63 -11.62 -7.92 4.55
N GLY A 64 -10.74 -6.95 4.31
CA GLY A 64 -10.84 -5.67 5.01
C GLY A 64 -10.85 -4.49 4.07
N ILE A 65 -11.35 -3.35 4.55
CA ILE A 65 -11.39 -2.12 3.72
C ILE A 65 -10.82 -0.95 4.52
N PHE A 66 -9.64 -0.48 4.12
CA PHE A 66 -9.02 0.69 4.79
C PHE A 66 -9.58 1.90 4.06
N VAL A 67 -10.28 2.76 4.78
CA VAL A 67 -10.95 3.88 4.07
C VAL A 67 -10.71 5.19 4.80
N ASP A 68 -10.77 6.30 4.08
CA ASP A 68 -10.67 7.59 4.72
C ASP A 68 -11.40 8.64 3.88
N GLY A 69 -11.68 9.77 4.51
CA GLY A 69 -12.51 10.82 3.95
C GLY A 69 -13.48 11.34 4.98
N ASP A 70 -13.95 12.57 4.77
CA ASP A 70 -14.92 13.21 5.65
C ASP A 70 -16.30 12.67 5.30
N PHE A 71 -16.58 11.45 5.76
CA PHE A 71 -17.85 10.79 5.45
C PHE A 71 -18.99 11.31 6.37
N PHE A 72 -20.23 11.06 5.95
CA PHE A 72 -21.41 11.48 6.76
C PHE A 72 -21.74 10.36 7.75
N PRO A 73 -22.51 10.62 8.83
CA PRO A 73 -22.87 9.59 9.81
C PRO A 73 -23.67 8.45 9.18
N GLY A 74 -24.58 8.78 8.25
CA GLY A 74 -25.37 7.75 7.55
C GLY A 74 -24.47 6.85 6.73
N GLN A 75 -23.43 7.41 6.10
CA GLN A 75 -22.46 6.59 5.32
C GLN A 75 -21.75 5.61 6.27
N LYS A 76 -21.44 6.05 7.50
CA LYS A 76 -20.85 5.12 8.50
C LYS A 76 -21.85 4.01 8.82
N ASP A 77 -23.13 4.32 8.95
CA ASP A 77 -24.05 3.21 9.30
C ASP A 77 -24.01 2.23 8.13
N ALA A 78 -23.71 2.72 6.93
CA ALA A 78 -23.74 1.85 5.73
C ALA A 78 -22.66 0.76 5.73
N PHE A 79 -21.43 1.13 6.08
CA PHE A 79 -20.33 0.14 6.15
C PHE A 79 -20.65 -0.88 7.24
N SER A 80 -21.22 -0.40 8.34
CA SER A 80 -21.55 -1.30 9.47
C SER A 80 -22.53 -2.33 8.95
N LYS A 81 -23.43 -1.91 8.07
CA LYS A 81 -24.40 -2.86 7.47
C LYS A 81 -23.64 -3.93 6.68
N LEU A 82 -22.61 -3.53 5.92
CA LEU A 82 -21.81 -4.55 5.17
C LEU A 82 -21.13 -5.48 6.18
N GLU A 83 -20.67 -4.92 7.29
CA GLU A 83 -20.04 -5.76 8.34
C GLU A 83 -21.06 -6.77 8.88
N TYR A 84 -22.30 -6.35 9.10
CA TYR A 84 -23.36 -7.31 9.52
C TYR A 84 -23.65 -8.28 8.38
N ASP A 85 -23.76 -7.76 7.16
CA ASP A 85 -24.16 -8.63 6.04
C ASP A 85 -23.10 -9.72 5.85
N TYR A 86 -21.82 -9.32 5.88
CA TYR A 86 -20.74 -10.30 5.72
C TYR A 86 -19.77 -10.19 6.90
N GLU A 87 -19.64 -11.23 7.72
CA GLU A 87 -18.68 -11.19 8.86
C GLU A 87 -17.26 -11.20 8.28
N ASN A 88 -17.14 -11.70 7.05
CA ASN A 88 -15.84 -11.73 6.36
C ASN A 88 -15.33 -10.30 6.22
N ILE A 89 -16.22 -9.35 5.93
CA ILE A 89 -15.78 -7.96 5.65
C ILE A 89 -15.62 -7.13 6.92
N LYS A 90 -14.43 -6.57 7.13
CA LYS A 90 -14.16 -5.65 8.26
C LYS A 90 -13.65 -4.34 7.67
N VAL A 91 -14.23 -3.21 8.07
CA VAL A 91 -13.86 -1.90 7.48
C VAL A 91 -13.04 -1.12 8.52
N ILE A 92 -11.83 -0.71 8.16
CA ILE A 92 -10.94 -0.01 9.14
C ILE A 92 -10.80 1.44 8.67
N TYR A 93 -10.69 2.36 9.62
CA TYR A 93 -10.63 3.79 9.28
C TYR A 93 -9.30 4.37 9.74
N ARG A 94 -8.71 5.20 8.89
CA ARG A 94 -7.38 5.78 9.22
C ARG A 94 -7.42 6.39 10.61
N ASN A 95 -8.57 6.88 11.03
CA ASN A 95 -8.63 7.61 12.32
C ASN A 95 -8.46 6.63 13.48
N ASP A 96 -8.66 5.33 13.23
CA ASP A 96 -8.66 4.35 14.34
C ASP A 96 -7.32 3.61 14.41
N ILE A 97 -6.31 4.08 13.70
CA ILE A 97 -4.99 3.40 13.68
C ILE A 97 -3.90 4.43 14.00
N ASP A 98 -2.87 4.00 14.71
CA ASP A 98 -1.75 4.93 15.03
C ASP A 98 -0.63 4.63 14.05
N PHE A 99 -0.22 5.63 13.27
CA PHE A 99 0.92 5.42 12.35
C PHE A 99 2.07 6.26 12.90
N SER A 100 1.93 6.74 14.13
CA SER A 100 2.97 7.63 14.72
C SER A 100 4.37 6.99 14.73
N MET A 101 4.44 5.66 14.72
CA MET A 101 5.75 4.95 14.79
C MET A 101 6.33 5.01 13.38
N TYR A 102 5.49 5.30 12.38
CA TYR A 102 5.96 5.30 10.96
C TYR A 102 6.33 6.71 10.50
N ASP A 103 6.38 7.72 11.37
CA ASP A 103 6.53 9.12 10.87
C ASP A 103 7.86 9.80 11.19
N LYS A 104 8.10 10.94 10.55
CA LYS A 104 9.35 11.70 10.78
C LYS A 104 9.01 13.14 10.44
N LYS A 105 9.44 14.07 11.29
CA LYS A 105 9.11 15.49 11.06
C LYS A 105 9.69 15.96 9.73
N LEU A 106 8.93 16.75 8.99
CA LEU A 106 9.38 17.25 7.68
C LEU A 106 10.61 18.13 7.90
N SER A 107 10.71 18.71 9.09
CA SER A 107 11.86 19.59 9.40
C SER A 107 13.15 18.79 9.29
N GLU A 108 13.25 17.72 10.06
CA GLU A 108 14.50 16.94 10.10
C GLU A 108 14.88 16.54 8.68
N ILE A 109 13.96 15.88 7.96
CA ILE A 109 14.28 15.37 6.61
C ILE A 109 15.05 16.43 5.85
N TYR A 110 14.55 17.67 5.86
CA TYR A 110 15.20 18.73 5.05
C TYR A 110 16.54 19.10 5.68
N MET A 111 16.57 19.30 6.98
CA MET A 111 17.81 19.79 7.62
C MET A 111 18.92 18.76 7.48
N GLU A 112 18.56 17.48 7.43
CA GLU A 112 19.57 16.41 7.30
C GLU A 112 20.12 16.44 5.88
N ASN A 113 19.23 16.62 4.91
CA ASN A 113 19.66 16.69 3.50
C ASN A 113 20.49 17.97 3.33
N ILE A 114 20.08 19.05 3.99
CA ILE A 114 20.80 20.35 3.87
C ILE A 114 22.21 20.18 4.42
N SER A 115 22.33 19.55 5.59
CA SER A 115 23.65 19.36 6.21
C SER A 115 24.55 18.58 5.25
N LYS A 116 24.02 17.50 4.67
CA LYS A 116 24.82 16.64 3.77
C LYS A 116 25.30 17.47 2.59
N GLN A 117 24.40 18.19 1.95
CA GLN A 117 24.78 18.94 0.73
C GLN A 117 25.77 20.04 1.14
N GLU A 118 25.58 20.60 2.33
CA GLU A 118 26.44 21.71 2.80
C GLU A 118 27.86 21.17 3.03
N SER A 119 27.98 19.98 3.58
CA SER A 119 29.30 19.38 3.81
C SER A 119 30.12 19.44 2.52
N MET A 120 29.65 18.79 1.46
CA MET A 120 30.43 18.72 0.20
C MET A 120 30.77 20.13 -0.27
N PRO A 121 31.78 20.33 -1.16
CA PRO A 121 32.06 21.67 -1.67
C PRO A 121 30.86 22.21 -2.46
N GLU A 122 30.82 23.54 -2.62
CA GLU A 122 29.71 24.23 -3.33
C GLU A 122 29.66 23.72 -4.77
N GLU A 123 30.81 23.36 -5.30
CA GLU A 123 30.85 22.82 -6.68
C GLU A 123 30.06 21.52 -6.70
N LYS A 124 30.19 20.71 -5.67
CA LYS A 124 29.55 19.37 -5.67
C LYS A 124 28.14 19.43 -5.09
N ARG A 125 27.74 20.55 -4.50
CA ARG A 125 26.41 20.62 -3.83
C ARG A 125 25.31 20.68 -4.89
N ASP A 126 24.05 20.47 -4.49
CA ASP A 126 23.02 20.71 -5.54
C ASP A 126 22.29 22.02 -5.20
N CYS A 127 22.77 23.14 -5.76
CA CYS A 127 22.16 24.46 -5.43
C CYS A 127 20.64 24.38 -5.61
N HIS A 128 20.16 23.97 -6.78
CA HIS A 128 18.69 23.88 -6.91
C HIS A 128 18.09 23.16 -5.70
N LEU A 129 18.58 21.97 -5.36
CA LEU A 129 17.94 21.20 -4.26
C LEU A 129 18.06 22.01 -2.98
N LEU A 130 19.23 22.56 -2.70
CA LEU A 130 19.37 23.24 -1.40
C LEU A 130 18.36 24.37 -1.40
N GLN A 131 18.26 25.08 -2.51
CA GLN A 131 17.22 26.13 -2.62
C GLN A 131 15.89 25.46 -2.33
N LEU A 132 15.54 24.40 -3.07
CA LEU A 132 14.20 23.81 -2.76
C LEU A 132 14.09 23.45 -1.28
N LEU A 133 15.14 22.87 -0.72
CA LEU A 133 15.05 22.41 0.69
C LEU A 133 14.87 23.62 1.61
N LYS A 134 15.66 24.68 1.42
CA LYS A 134 15.59 25.84 2.33
C LYS A 134 14.21 26.49 2.22
N LYS A 135 13.69 26.62 1.01
CA LYS A 135 12.33 27.21 0.81
C LYS A 135 11.31 26.40 1.58
N GLU A 136 11.28 25.09 1.36
CA GLU A 136 10.24 24.25 2.00
C GLU A 136 10.37 24.32 3.51
N LEU A 137 11.60 24.37 4.05
CA LEU A 137 11.77 24.34 5.52
C LEU A 137 11.05 25.55 6.12
N SER A 138 11.26 26.71 5.55
CA SER A 138 10.63 27.94 6.08
C SER A 138 9.12 27.80 5.95
N ASP A 139 8.65 27.21 4.85
CA ASP A 139 7.19 27.16 4.58
C ASP A 139 6.51 26.04 5.35
N ILE A 140 7.18 25.45 6.35
CA ILE A 140 6.50 24.52 7.31
C ILE A 140 6.24 25.31 8.58
N GLN A 141 6.21 26.64 8.46
CA GLN A 141 5.91 27.51 9.62
C GLN A 141 4.51 27.14 10.12
N GLU A 142 3.69 26.55 9.25
CA GLU A 142 2.37 26.06 9.69
C GLU A 142 2.63 25.03 10.79
N GLY A 143 1.72 24.89 11.76
CA GLY A 143 1.99 24.03 12.92
C GLY A 143 2.25 22.58 12.53
N ASN A 144 1.85 22.17 11.33
CA ASN A 144 1.99 20.75 10.90
C ASN A 144 3.41 20.47 10.36
N ASP A 145 4.22 19.69 11.07
CA ASP A 145 5.57 19.27 10.59
C ASP A 145 5.61 17.74 10.66
N SER A 146 4.82 17.05 9.83
CA SER A 146 4.76 15.58 9.91
C SER A 146 4.62 15.03 8.50
N LEU A 147 5.50 14.11 8.13
CA LEU A 147 5.48 13.47 6.80
C LEU A 147 4.08 12.91 6.57
N ILE A 148 3.50 12.27 7.59
CA ILE A 148 2.13 11.71 7.48
C ILE A 148 1.18 12.83 7.04
N LYS A 149 1.09 13.92 7.79
CA LYS A 149 0.11 14.98 7.46
C LYS A 149 0.39 15.48 6.05
N SER A 150 1.66 15.75 5.75
CA SER A 150 2.05 16.17 4.37
C SER A 150 1.34 15.27 3.35
N TYR A 151 1.17 14.00 3.67
CA TYR A 151 0.55 13.07 2.69
C TYR A 151 -0.96 13.07 2.90
N LEU A 152 -1.58 14.24 2.82
CA LEU A 152 -3.06 14.34 2.96
C LEU A 152 -3.59 15.34 1.91
N LEU A 153 -4.14 14.84 0.81
CA LEU A 153 -4.67 15.70 -0.28
C LEU A 153 -6.16 15.41 -0.46
N GLY A 156 -5.16 13.55 -4.23
CA GLY A 156 -5.37 12.45 -3.28
C GLY A 156 -4.41 11.31 -3.54
N HIS A 157 -3.62 11.43 -4.60
CA HIS A 157 -2.67 10.33 -4.96
C HIS A 157 -1.82 9.97 -3.74
N GLY A 158 -1.14 10.94 -3.16
CA GLY A 158 -0.33 10.67 -1.96
C GLY A 158 -1.19 10.26 -0.80
N TRP A 159 -2.33 10.94 -0.62
CA TRP A 159 -3.18 10.68 0.57
C TRP A 159 -3.32 9.19 0.78
N PHE A 160 -3.40 8.41 -0.28
CA PHE A 160 -3.68 6.96 -0.10
C PHE A 160 -2.42 6.14 -0.31
N ASP A 161 -1.56 6.57 -1.23
CA ASP A 161 -0.38 5.75 -1.59
C ASP A 161 0.44 5.56 -0.31
N PHE A 162 0.93 6.65 0.26
CA PHE A 162 1.67 6.56 1.53
C PHE A 162 0.81 5.75 2.48
N TYR A 163 -0.47 6.01 2.61
CA TYR A 163 -1.26 5.27 3.63
C TYR A 163 -1.41 3.79 3.27
N ARG A 164 -1.42 3.46 1.99
CA ARG A 164 -1.49 2.03 1.58
C ARG A 164 -0.23 1.35 2.11
N ASN A 165 0.93 2.00 1.97
CA ASN A 165 2.20 1.44 2.46
C ASN A 165 2.11 1.40 3.97
N MET A 166 1.56 2.41 4.62
CA MET A 166 1.59 2.36 6.10
C MET A 166 0.70 1.21 6.62
N ALA A 167 -0.43 0.97 5.95
CA ALA A 167 -1.34 -0.13 6.37
C ALA A 167 -0.65 -1.47 6.21
N MET A 168 0.03 -1.67 5.09
CA MET A 168 0.77 -2.93 4.82
C MET A 168 1.91 -3.08 5.82
N LEU A 169 2.51 -1.97 6.25
CA LEU A 169 3.56 -2.07 7.30
C LEU A 169 2.94 -2.64 8.57
N LYS A 170 1.69 -2.25 8.89
CA LYS A 170 0.99 -2.82 10.06
C LYS A 170 0.45 -4.18 9.65
N ALA A 171 -0.03 -4.30 8.41
CA ALA A 171 -0.51 -5.60 7.86
C ALA A 171 -1.57 -6.24 8.75
N GLY A 172 -1.34 -7.49 9.14
CA GLY A 172 -2.31 -8.22 9.99
C GLY A 172 -2.53 -7.48 11.29
N GLN A 173 -1.53 -6.74 11.74
CA GLN A 173 -1.66 -5.95 13.00
C GLN A 173 -2.82 -4.96 12.82
N LEU A 174 -3.16 -4.61 11.58
CA LEU A 174 -4.23 -3.60 11.34
C LEU A 174 -5.56 -4.12 11.88
N PHE A 175 -5.97 -5.32 11.43
CA PHE A 175 -7.24 -5.92 11.90
C PHE A 175 -7.23 -5.97 13.43
N LEU A 176 -6.14 -6.48 14.00
CA LEU A 176 -6.02 -6.59 15.48
C LEU A 176 -6.10 -5.20 16.11
N GLU A 177 -5.41 -4.20 15.56
CA GLU A 177 -5.40 -2.88 16.24
C GLU A 177 -6.82 -2.31 16.23
N ALA A 178 -7.60 -2.63 15.20
CA ALA A 178 -8.94 -2.02 15.05
C ALA A 178 -10.00 -2.83 15.81
N ASP A 179 -9.60 -3.87 16.53
CA ASP A 179 -10.58 -4.73 17.24
C ASP A 179 -11.61 -5.27 16.25
N LYS A 180 -11.14 -5.93 15.18
CA LYS A 180 -12.04 -6.46 14.14
C LYS A 180 -12.57 -7.84 14.54
N VAL A 181 -13.81 -7.90 15.05
CA VAL A 181 -14.41 -9.17 15.57
C VAL A 181 -14.50 -10.18 14.44
N GLY A 182 -14.19 -11.45 14.73
CA GLY A 182 -14.14 -12.48 13.67
C GLY A 182 -12.67 -12.75 13.38
N CYS A 183 -11.79 -11.97 14.00
CA CYS A 183 -10.32 -12.15 13.81
C CYS A 183 -9.84 -13.26 14.75
N TYR A 184 -10.30 -14.50 14.53
CA TYR A 184 -9.96 -15.59 15.46
C TYR A 184 -9.15 -16.66 14.72
N ASP A 185 -8.31 -16.23 13.78
CA ASP A 185 -7.52 -17.19 12.96
C ASP A 185 -6.11 -16.64 12.71
N LEU A 186 -5.83 -15.42 13.16
CA LEU A 186 -4.55 -14.75 12.82
C LEU A 186 -3.75 -14.40 14.07
N SER A 187 -2.42 -14.32 13.93
CA SER A 187 -1.59 -13.86 15.07
C SER A 187 -1.07 -12.46 14.77
N THR A 188 -0.14 -11.95 15.59
CA THR A 188 0.37 -10.54 15.48
C THR A 188 1.40 -10.31 14.38
N ASN A 189 2.21 -11.33 14.07
CA ASN A 189 3.21 -11.20 12.97
C ASN A 189 2.51 -11.52 11.65
N SER A 190 1.17 -11.56 11.65
CA SER A 190 0.43 -11.96 10.44
C SER A 190 0.62 -10.79 9.48
N GLY A 191 0.52 -11.11 8.19
CA GLY A 191 0.58 -10.08 7.14
C GLY A 191 -0.81 -10.01 6.52
N CYS A 192 -0.90 -9.38 5.35
CA CYS A 192 -2.20 -9.25 4.65
C CYS A 192 -1.85 -9.11 3.17
N ILE A 193 -2.76 -9.52 2.29
CA ILE A 193 -2.46 -9.35 0.85
C ILE A 193 -3.27 -8.16 0.35
N TYR A 194 -2.60 -7.13 -0.17
CA TYR A 194 -3.32 -5.96 -0.73
C TYR A 194 -3.70 -6.23 -2.17
N LEU A 195 -4.93 -5.86 -2.55
CA LEU A 195 -5.37 -6.03 -3.96
C LEU A 195 -6.14 -4.77 -4.39
N ASP A 196 -5.78 -4.20 -5.52
CA ASP A 196 -6.64 -3.10 -6.05
C ASP A 196 -8.04 -3.70 -6.13
N ALA A 197 -9.09 -2.91 -5.95
CA ALA A 197 -10.41 -3.55 -6.04
C ALA A 197 -10.72 -3.97 -7.48
N ASP A 198 -10.01 -3.43 -8.48
CA ASP A 198 -10.23 -3.90 -9.86
C ASP A 198 -9.33 -5.11 -10.09
N MET A 199 -8.92 -5.77 -9.09
CA MET A 199 -8.26 -7.09 -9.27
C MET A 199 -9.23 -8.21 -8.89
N ILE A 200 -9.81 -8.85 -9.92
CA ILE A 200 -10.91 -9.83 -9.72
C ILE A 200 -10.42 -11.21 -9.32
N ILE A 201 -10.91 -11.69 -8.17
CA ILE A 201 -10.56 -13.05 -7.65
C ILE A 201 -11.51 -14.06 -8.32
N THR A 202 -11.02 -14.77 -9.33
CA THR A 202 -11.88 -15.74 -10.07
C THR A 202 -12.16 -16.95 -9.18
N GLU A 203 -11.22 -17.32 -8.31
CA GLU A 203 -11.40 -18.53 -7.44
C GLU A 203 -10.42 -18.44 -6.27
N LYS A 204 -10.75 -19.11 -5.16
CA LYS A 204 -9.89 -19.04 -3.95
C LYS A 204 -8.44 -19.19 -4.37
N LEU A 205 -7.57 -18.33 -3.83
CA LEU A 205 -6.11 -18.45 -4.10
C LEU A 205 -5.52 -19.58 -3.25
N GLY A 206 -5.99 -19.74 -2.02
CA GLY A 206 -5.45 -20.77 -1.11
C GLY A 206 -4.07 -20.40 -0.61
N GLY A 207 -3.37 -21.33 0.04
CA GLY A 207 -1.99 -21.06 0.51
C GLY A 207 -1.13 -20.50 -0.60
N ILE A 208 -0.42 -19.42 -0.34
CA ILE A 208 0.46 -18.93 -1.44
C ILE A 208 1.90 -19.09 -1.00
N TYR A 209 2.82 -18.91 -1.92
CA TYR A 209 4.27 -18.93 -1.62
C TYR A 209 4.81 -17.60 -2.17
N ILE A 210 5.45 -16.80 -1.31
CA ILE A 210 5.97 -15.46 -1.74
C ILE A 210 7.49 -15.45 -1.58
N PRO A 211 8.26 -15.06 -2.63
CA PRO A 211 9.72 -15.07 -2.55
C PRO A 211 10.25 -14.29 -1.34
N ASP A 212 11.12 -14.90 -0.54
CA ASP A 212 11.69 -14.22 0.64
C ASP A 212 10.55 -13.63 1.48
N GLY A 213 9.44 -14.37 1.58
CA GLY A 213 8.29 -13.92 2.40
C GLY A 213 7.70 -12.61 1.88
N ILE A 214 7.74 -12.38 0.56
CA ILE A 214 7.10 -11.17 -0.01
C ILE A 214 6.87 -11.36 -1.51
N ALA A 215 5.83 -10.71 -2.06
CA ALA A 215 5.57 -10.77 -3.52
C ALA A 215 4.67 -9.60 -3.91
N VAL A 216 4.86 -9.04 -5.11
CA VAL A 216 4.06 -7.87 -5.56
C VAL A 216 3.68 -8.05 -7.03
N HIS A 217 2.54 -7.50 -7.45
CA HIS A 217 2.11 -7.58 -8.87
C HIS A 217 3.15 -6.88 -9.75
N VAL A 218 3.34 -7.39 -10.97
CA VAL A 218 4.33 -6.80 -11.91
C VAL A 218 3.63 -6.62 -13.25
N GLU A 219 3.24 -5.39 -13.57
CA GLU A 219 2.52 -5.16 -14.84
C GLU A 219 3.51 -4.90 -15.96
N ARG A 220 3.95 -5.96 -16.65
CA ARG A 220 4.92 -5.81 -17.75
C ARG A 220 4.22 -5.16 -18.94
N ILE A 221 4.97 -4.43 -19.76
CA ILE A 221 4.40 -3.76 -20.97
C ILE A 221 4.98 -4.42 -22.21
N ASP A 222 5.40 -3.63 -23.20
CA ASP A 222 6.05 -4.19 -24.42
C ASP A 222 7.50 -4.53 -24.09
N GLY A 223 7.79 -5.80 -23.82
CA GLY A 223 9.16 -6.21 -23.45
C GLY A 223 9.53 -5.76 -22.05
N ARG A 224 9.44 -4.46 -21.79
CA ARG A 224 9.76 -3.91 -20.45
C ARG A 224 8.77 -4.46 -19.42
N ALA A 225 9.17 -4.50 -18.14
CA ALA A 225 8.26 -4.99 -17.09
C ALA A 225 8.40 -4.06 -15.89
N SER A 226 7.29 -3.74 -15.23
CA SER A 226 7.36 -2.78 -14.11
C SER A 226 6.62 -3.37 -12.90
N MET A 227 7.17 -3.18 -11.70
CA MET A 227 6.52 -3.70 -10.48
C MET A 227 5.32 -2.82 -10.19
N GLU A 228 4.27 -3.35 -9.55
CA GLU A 228 3.17 -2.38 -9.26
C GLU A 228 2.76 -2.50 -7.80
N ASN A 229 2.14 -1.45 -7.27
CA ASN A 229 1.68 -1.47 -5.87
C ASN A 229 0.20 -1.88 -5.85
N GLY A 230 -0.32 -2.32 -7.00
CA GLY A 230 -1.69 -2.82 -7.09
C GLY A 230 -1.88 -4.06 -6.24
N ILE A 231 -0.88 -4.96 -6.24
CA ILE A 231 -0.94 -6.18 -5.38
C ILE A 231 0.26 -6.18 -4.44
N ILE A 232 0.02 -6.20 -3.14
CA ILE A 232 1.13 -6.22 -2.14
C ILE A 232 0.96 -7.46 -1.24
N ALA A 233 1.82 -8.47 -1.42
CA ALA A 233 1.73 -9.71 -0.63
C ALA A 233 2.92 -9.79 0.34
N VAL A 234 2.65 -9.75 1.65
CA VAL A 234 3.74 -9.85 2.67
C VAL A 234 3.41 -11.04 3.59
N ASP A 235 4.44 -11.71 4.11
CA ASP A 235 4.22 -12.89 5.00
C ASP A 235 4.18 -12.43 6.45
N ARG A 236 4.86 -11.32 6.76
CA ARG A 236 4.94 -10.83 8.17
C ARG A 236 4.61 -9.34 8.21
N ASN A 237 4.10 -8.87 9.35
CA ASN A 237 3.87 -7.40 9.48
C ASN A 237 5.24 -6.73 9.54
N ASN A 238 5.34 -5.48 9.07
CA ASN A 238 6.65 -4.77 9.03
C ASN A 238 7.66 -5.60 8.23
N HIS A 239 7.28 -6.08 7.06
CA HIS A 239 8.25 -6.80 6.19
C HIS A 239 9.39 -5.82 5.86
N PRO A 240 10.69 -6.17 5.96
CA PRO A 240 11.77 -5.19 5.77
C PRO A 240 11.88 -4.41 4.45
N ALA A 241 11.31 -4.93 3.38
CA ALA A 241 11.34 -4.21 2.09
C ALA A 241 10.54 -2.92 2.22
N LEU A 242 9.40 -2.98 2.92
CA LEU A 242 8.58 -1.77 3.15
C LEU A 242 9.35 -0.80 4.05
N LEU A 243 10.09 -1.33 5.04
CA LEU A 243 10.90 -0.47 5.95
C LEU A 243 11.95 0.27 5.13
N ALA A 244 12.53 -0.37 4.12
CA ALA A 244 13.53 0.29 3.25
C ALA A 244 12.85 1.45 2.51
N GLY A 245 11.63 1.22 2.02
CA GLY A 245 10.86 2.31 1.36
C GLY A 245 10.53 3.42 2.34
N LEU A 246 10.18 3.06 3.58
CA LEU A 246 9.88 4.06 4.64
C LEU A 246 11.15 4.89 4.90
N GLU A 247 12.32 4.23 4.90
CA GLU A 247 13.61 4.94 5.08
C GLU A 247 13.81 5.93 3.93
N ILE A 248 13.45 5.54 2.71
CA ILE A 248 13.54 6.47 1.54
C ILE A 248 12.60 7.67 1.78
N MET A 249 11.39 7.43 2.30
CA MET A 249 10.49 8.57 2.63
C MET A 249 11.17 9.43 3.70
N HIS A 250 11.80 8.79 4.68
CA HIS A 250 12.47 9.52 5.79
C HIS A 250 13.67 10.34 5.29
N THR A 251 14.42 9.84 4.30
CA THR A 251 15.65 10.56 3.87
C THR A 251 15.45 11.36 2.58
N LYS A 252 14.86 10.77 1.54
CA LYS A 252 14.75 11.44 0.21
C LYS A 252 13.73 12.60 0.22
N PHE A 253 13.97 13.63 -0.58
CA PHE A 253 13.03 14.77 -0.72
C PHE A 253 12.13 14.52 -1.93
N ASP A 254 10.88 15.01 -1.90
CA ASP A 254 9.90 14.77 -2.99
C ASP A 254 10.06 13.31 -3.39
N ALA A 255 9.82 12.41 -2.44
CA ALA A 255 9.92 10.96 -2.72
C ALA A 255 8.55 10.41 -3.03
N ASP A 256 8.41 9.64 -4.12
CA ASP A 256 7.09 9.11 -4.51
C ASP A 256 6.78 7.91 -3.63
N PRO A 257 5.70 7.91 -2.81
CA PRO A 257 5.33 6.73 -2.05
C PRO A 257 5.22 5.48 -2.92
N TYR A 258 4.64 5.62 -4.11
CA TYR A 258 4.44 4.46 -4.99
C TYR A 258 5.76 3.88 -5.47
N SER A 259 6.68 4.73 -5.91
CA SER A 259 7.93 4.19 -6.53
C SER A 259 9.06 4.10 -5.53
N ASP A 260 9.12 5.02 -4.58
CA ASP A 260 10.27 5.03 -3.63
C ASP A 260 9.84 4.26 -2.40
N GLY A 261 8.54 4.21 -2.15
CA GLY A 261 8.06 3.54 -0.98
C GLY A 261 8.05 2.03 -1.07
N VAL A 262 7.78 1.50 -2.26
CA VAL A 262 7.66 0.02 -2.39
C VAL A 262 8.61 -0.42 -3.49
N CYS A 263 8.38 0.09 -4.70
CA CYS A 263 9.19 -0.36 -5.85
C CYS A 263 10.69 -0.22 -5.57
N ASN A 264 11.11 0.94 -5.06
CA ASN A 264 12.57 1.17 -4.81
C ASN A 264 12.97 0.42 -3.54
N GLY A 265 12.06 0.32 -2.57
CA GLY A 265 12.35 -0.40 -1.33
C GLY A 265 12.59 -1.88 -1.59
N ILE A 266 11.86 -2.46 -2.54
CA ILE A 266 12.03 -3.90 -2.86
C ILE A 266 13.42 -4.10 -3.46
N ARG A 267 13.84 -3.17 -4.32
CA ARG A 267 15.15 -3.33 -5.00
C ARG A 267 16.29 -3.32 -3.98
N LYS A 268 16.14 -2.65 -2.84
CA LYS A 268 17.20 -2.74 -1.84
C LYS A 268 17.21 -4.08 -1.09
N HIS A 269 16.03 -4.62 -0.80
CA HIS A 269 15.93 -5.83 -0.04
C HIS A 269 16.51 -7.03 -0.80
N PHE A 270 16.57 -6.92 -2.13
CA PHE A 270 17.12 -8.01 -2.97
C PHE A 270 18.37 -7.51 -3.70
N ASN A 271 18.80 -6.27 -3.43
CA ASN A 271 20.04 -5.73 -4.04
C ASN A 271 19.99 -5.89 -5.58
N TYR A 272 18.91 -5.43 -6.22
CA TYR A 272 18.75 -5.64 -7.67
C TYR A 272 20.10 -5.47 -8.37
N SER A 273 20.83 -4.39 -8.10
CA SER A 273 22.22 -4.19 -8.62
C SER A 273 22.26 -3.59 -10.03
N LEU A 274 21.12 -3.43 -10.71
CA LEU A 274 21.07 -2.72 -12.03
C LEU A 274 21.76 -3.54 -13.13
N ASN A 275 22.94 -4.07 -12.85
CA ASN A 275 23.66 -4.89 -13.84
C ASN A 275 22.76 -6.09 -14.16
N GLU A 276 22.15 -6.66 -13.12
CA GLU A 276 21.27 -7.83 -13.30
C GLU A 276 20.08 -7.42 -14.17
N ASP A 277 19.50 -8.34 -14.92
CA ASP A 277 18.39 -7.94 -15.82
C ASP A 277 17.18 -7.61 -14.95
N TYR A 278 16.46 -6.55 -15.29
CA TYR A 278 15.33 -6.15 -14.44
C TYR A 278 14.15 -7.02 -14.81
N ASN A 279 14.06 -7.45 -16.08
CA ASN A 279 12.84 -8.16 -16.40
C ASN A 279 12.74 -9.46 -15.58
N SER A 280 13.81 -10.25 -15.56
CA SER A 280 13.85 -11.46 -14.76
C SER A 280 13.59 -11.13 -13.28
N PHE A 281 14.18 -10.04 -12.79
CA PHE A 281 14.02 -9.70 -11.35
C PHE A 281 12.54 -9.43 -11.10
N CYS A 282 11.92 -8.76 -12.07
CA CYS A 282 10.47 -8.54 -11.94
C CYS A 282 9.81 -9.92 -11.98
N ASP A 283 10.33 -10.82 -12.83
CA ASP A 283 9.74 -12.19 -12.85
C ASP A 283 9.92 -12.80 -11.46
N PHE A 284 11.12 -12.73 -10.90
CA PHE A 284 11.35 -13.26 -9.58
C PHE A 284 10.42 -12.70 -8.50
N ILE A 285 10.11 -11.41 -8.59
CA ILE A 285 9.30 -10.78 -7.57
C ILE A 285 7.81 -10.97 -7.85
N GLU A 286 7.49 -11.22 -9.11
CA GLU A 286 6.08 -11.22 -9.59
C GLU A 286 5.05 -12.01 -8.81
N PHE A 287 4.12 -11.29 -8.20
CA PHE A 287 2.97 -11.99 -7.69
C PHE A 287 2.28 -12.65 -8.88
N LYS A 288 2.39 -13.97 -8.95
CA LYS A 288 1.73 -14.70 -10.00
C LYS A 288 0.41 -15.26 -9.46
N HIS A 289 -0.66 -15.14 -10.24
CA HIS A 289 -1.83 -15.94 -9.94
C HIS A 289 -2.79 -16.02 -11.12
N ASP A 290 -3.43 -17.18 -11.22
CA ASP A 290 -4.30 -17.56 -12.32
C ASP A 290 -5.77 -17.23 -12.03
N ASN A 291 -6.10 -17.14 -10.74
CA ASN A 291 -7.50 -16.88 -10.33
C ASN A 291 -7.64 -15.40 -9.98
N ILE A 292 -6.68 -14.58 -10.38
CA ILE A 292 -6.79 -13.10 -10.14
C ILE A 292 -6.74 -12.37 -11.48
N ILE A 293 -7.77 -11.58 -11.81
CA ILE A 293 -7.75 -10.75 -13.05
C ILE A 293 -7.08 -9.44 -12.66
N MET A 294 -5.86 -9.19 -13.15
CA MET A 294 -5.09 -8.01 -12.66
C MET A 294 -5.36 -6.77 -13.52
N ASN A 295 -5.48 -5.59 -12.90
CA ASN A 295 -5.69 -4.28 -13.59
C ASN A 295 -6.85 -4.28 -14.58
N THR A 296 -8.08 -4.50 -14.12
CA THR A 296 -9.29 -4.42 -14.95
C THR A 296 -9.64 -2.97 -15.25
N SER A 297 -9.45 -2.05 -14.30
CA SER A 297 -9.73 -0.66 -14.72
C SER A 297 -9.09 -0.46 -16.09
N GLN A 298 -7.99 -1.17 -16.35
CA GLN A 298 -7.26 -0.98 -17.63
C GLN A 298 -8.07 -1.16 -18.92
N PHE A 299 -8.82 -2.26 -19.07
CA PHE A 299 -9.71 -2.44 -20.26
C PHE A 299 -11.06 -1.76 -19.96
N THR A 300 -11.10 -0.89 -18.94
CA THR A 300 -12.34 -0.10 -18.67
C THR A 300 -12.11 1.39 -18.36
N GLN A 301 -11.53 1.75 -17.20
CA GLN A 301 -11.26 3.19 -16.97
C GLN A 301 -10.64 3.37 -15.59
N SER A 302 -9.79 4.40 -15.43
CA SER A 302 -9.12 4.63 -14.13
C SER A 302 -10.04 5.40 -13.18
N SER A 303 -10.32 4.83 -12.01
CA SER A 303 -11.26 5.48 -11.05
C SER A 303 -10.80 6.92 -10.75
N TRP A 304 -9.49 7.18 -10.84
CA TRP A 304 -9.01 8.53 -10.48
C TRP A 304 -9.00 9.55 -11.59
N ALA A 305 -9.44 10.78 -11.28
CA ALA A 305 -9.22 11.87 -12.24
C ALA A 305 -7.72 12.08 -12.09
N ARG A 306 -7.23 12.06 -10.84
CA ARG A 306 -5.78 12.26 -10.55
C ARG A 306 -5.43 11.50 -9.27
MN MN B . -6.31 -0.40 -12.24
N1 UDP C . -8.32 4.30 -5.04
C2 UDP C . -8.90 4.82 -3.89
N3 UDP C . -9.60 5.98 -4.07
C4 UDP C . -9.80 6.66 -5.26
C5 UDP C . -9.18 6.05 -6.40
C6 UDP C . -8.48 4.92 -6.25
O2 UDP C . -8.78 4.30 -2.80
O4 UDP C . -10.47 7.69 -5.26
C1' UDP C . -7.56 3.04 -4.90
C2' UDP C . -8.46 1.80 -4.93
O2' UDP C . -7.94 0.83 -4.02
C3' UDP C . -8.29 1.31 -6.36
C4' UDP C . -6.83 1.66 -6.64
O4' UDP C . -6.66 2.93 -5.99
O3' UDP C . -8.53 -0.09 -6.45
C5' UDP C . -6.45 1.75 -8.09
O5' UDP C . -7.59 2.17 -8.86
PA UDP C . -7.62 2.04 -10.44
O1A UDP C . -8.92 2.61 -11.01
O2A UDP C . -7.29 0.64 -10.77
O3A UDP C . -6.46 3.02 -10.94
PB UDP C . -5.22 2.62 -11.85
O1B UDP C . -5.47 3.42 -13.13
O2B UDP C . -4.03 3.22 -11.10
O3B UDP C . -5.11 1.17 -12.06
#